data_7IJJ
#
_entry.id   7IJJ
#
_cell.length_a   88.708
_cell.length_b   88.708
_cell.length_c   39.461
_cell.angle_alpha   90.000
_cell.angle_beta   90.000
_cell.angle_gamma   90.000
#
_symmetry.space_group_name_H-M   'P 43'
#
loop_
_entity.id
_entity.type
_entity.pdbx_description
1 polymer 'Non-structural protein 3'
2 non-polymer 'DIMETHYL SULFOXIDE'
3 non-polymer '(3R)-3-(3-hydroxyphenyl)-3-[(7H-pyrrolo[2,3-d]pyrimidine-4-carbonyl)amino]propanoic acid'
4 non-polymer '(3S)-3-(3-hydroxyphenyl)-3-[(7H-pyrrolo[2,3-d]pyrimidine-4-carbonyl)amino]propanoic acid'
5 water water
#
_entity_poly.entity_id   1
_entity_poly.type   'polypeptide(L)'
_entity_poly.pdbx_seq_one_letter_code
;SMVNSFSGYLKLTDNVYIKNADIVEEAKKVKPTVVVNAANVYLKHGGGVAGALNKATNNAMQVESDDYIATNGPLKVGGS
CVLSGHNLAKHCLHVVGPNVNKGEDIQLLKSAYENFNQHEVLLAPLLSAGIFGADPIHSLRVCVDTVRTNVYLAVFDKNL
YDKLVSSFL
;
_entity_poly.pdbx_strand_id   A,B
#
# COMPACT_ATOMS: atom_id res chain seq x y z
N VAL A 3 -0.59 7.67 -23.06
N VAL A 3 -0.62 7.80 -23.12
CA VAL A 3 0.80 7.95 -23.40
CA VAL A 3 0.81 7.94 -23.40
C VAL A 3 1.46 8.77 -22.29
C VAL A 3 1.47 8.80 -22.31
N ASN A 4 2.65 8.36 -21.86
CA ASN A 4 3.42 9.10 -20.87
C ASN A 4 4.85 9.35 -21.34
N SER A 5 5.64 9.99 -20.48
N SER A 5 5.69 9.91 -20.46
CA SER A 5 6.97 10.47 -20.80
CA SER A 5 6.97 10.48 -20.84
C SER A 5 8.07 9.47 -20.43
C SER A 5 8.18 9.61 -20.51
N PHE A 6 7.71 8.35 -19.80
N PHE A 6 7.98 8.41 -19.95
CA PHE A 6 8.71 7.35 -19.46
CA PHE A 6 9.12 7.57 -19.63
C PHE A 6 9.28 6.71 -20.72
C PHE A 6 9.75 7.00 -20.90
N SER A 7 10.60 6.71 -20.83
N SER A 7 11.07 6.78 -20.85
CA SER A 7 11.29 6.30 -22.06
CA SER A 7 11.86 6.45 -22.04
C SER A 7 12.29 5.21 -21.75
C SER A 7 12.79 5.28 -21.76
N GLY A 8 12.46 4.29 -22.70
N GLY A 8 12.86 4.34 -22.71
CA GLY A 8 13.50 3.28 -22.60
CA GLY A 8 13.83 3.27 -22.64
C GLY A 8 13.22 2.14 -21.65
C GLY A 8 13.52 2.20 -21.62
N TYR A 9 11.99 1.98 -21.19
N TYR A 9 12.27 2.08 -21.20
CA TYR A 9 11.68 0.88 -20.28
CA TYR A 9 11.88 1.07 -20.24
C TYR A 9 11.43 -0.40 -21.04
C TYR A 9 11.47 -0.21 -20.96
N LEU A 10 11.92 -1.50 -20.50
N LEU A 10 11.79 -1.35 -20.32
CA LEU A 10 11.48 -2.81 -20.93
CA LEU A 10 11.47 -2.67 -20.82
C LEU A 10 10.11 -3.08 -20.31
C LEU A 10 10.12 -3.10 -20.24
N LYS A 11 9.21 -3.61 -21.12
N LYS A 11 9.20 -3.50 -21.12
CA LYS A 11 7.85 -3.91 -20.67
CA LYS A 11 7.89 -3.96 -20.66
C LYS A 11 7.84 -5.32 -20.12
C LYS A 11 8.01 -5.37 -20.09
N LEU A 12 7.75 -5.45 -18.79
N LEU A 12 7.47 -5.56 -18.89
CA LEU A 12 7.66 -6.78 -18.19
CA LEU A 12 7.45 -6.86 -18.22
C LEU A 12 6.26 -7.36 -18.34
C LEU A 12 6.08 -7.52 -18.19
N THR A 13 5.24 -6.54 -18.08
N THR A 13 5.01 -6.76 -17.88
CA THR A 13 3.85 -6.99 -18.10
CA THR A 13 3.64 -7.26 -17.88
C THR A 13 3.00 -5.87 -18.70
C THR A 13 2.74 -6.16 -18.43
N ASP A 14 1.69 -6.11 -18.69
N ASP A 14 1.42 -6.36 -18.32
CA ASP A 14 0.73 -5.09 -19.10
CA ASP A 14 0.45 -5.35 -18.71
C ASP A 14 0.98 -3.79 -18.33
C ASP A 14 0.74 -3.94 -18.17
N ASN A 15 1.16 -3.90 -17.00
N ASN A 15 1.42 -3.82 -17.02
CA ASN A 15 1.23 -2.75 -16.11
CA ASN A 15 1.50 -2.50 -16.36
C ASN A 15 2.57 -2.57 -15.38
C ASN A 15 2.85 -2.17 -15.75
N VAL A 16 3.54 -3.47 -15.53
N VAL A 16 3.85 -3.03 -15.84
CA VAL A 16 4.84 -3.34 -14.88
CA VAL A 16 5.13 -2.84 -15.18
C VAL A 16 5.95 -3.20 -15.92
C VAL A 16 6.23 -2.75 -16.23
N TYR A 17 6.77 -2.16 -15.74
N TYR A 17 7.05 -1.70 -16.10
CA TYR A 17 7.87 -1.81 -16.62
CA TYR A 17 8.20 -1.42 -16.95
C TYR A 17 9.14 -1.70 -15.78
C TYR A 17 9.44 -1.28 -16.08
N ILE A 18 10.29 -1.88 -16.42
N ILE A 18 10.62 -1.54 -16.65
CA ILE A 18 11.57 -1.86 -15.69
CA ILE A 18 11.84 -1.58 -15.86
C ILE A 18 12.67 -1.29 -16.57
C ILE A 18 13.01 -0.96 -16.63
N LYS A 19 13.64 -0.61 -15.93
N LYS A 19 13.89 -0.27 -15.90
CA LYS A 19 14.73 0.08 -16.61
CA LYS A 19 15.04 0.37 -16.51
C LYS A 19 15.92 0.16 -15.67
C LYS A 19 16.21 0.34 -15.53
N ASN A 20 17.14 0.08 -16.22
N ASN A 20 17.43 0.20 -16.07
CA ASN A 20 18.36 0.35 -15.48
CA ASN A 20 18.65 0.33 -15.28
C ASN A 20 18.57 1.86 -15.44
C ASN A 20 18.98 1.82 -15.26
N ALA A 21 18.27 2.47 -14.29
N ALA A 21 18.61 2.50 -14.17
CA ALA A 21 18.34 3.92 -14.19
CA ALA A 21 18.76 3.95 -14.12
C ALA A 21 18.51 4.34 -12.73
C ALA A 21 18.75 4.40 -12.68
N ASP A 22 19.20 5.46 -12.54
N ASP A 22 19.22 5.63 -12.49
CA ASP A 22 19.30 6.14 -11.25
CA ASP A 22 19.15 6.33 -11.21
C ASP A 22 17.98 6.87 -11.03
C ASP A 22 17.76 6.96 -11.08
N ILE A 23 17.20 6.42 -10.04
N ILE A 23 17.02 6.60 -10.03
CA ILE A 23 15.86 6.98 -9.81
CA ILE A 23 15.67 7.12 -9.85
C ILE A 23 15.92 8.49 -9.59
C ILE A 23 15.67 8.63 -9.73
N VAL A 24 17.02 8.99 -9.04
N VAL A 24 16.73 9.21 -9.15
CA VAL A 24 17.17 10.43 -8.87
CA VAL A 24 16.83 10.67 -9.06
C VAL A 24 17.21 11.15 -10.22
C VAL A 24 16.86 11.29 -10.44
N GLU A 25 18.08 10.69 -11.11
N GLU A 25 17.61 10.68 -11.37
CA GLU A 25 18.18 11.30 -12.43
CA GLU A 25 17.70 11.23 -12.72
C GLU A 25 16.91 11.09 -13.24
C GLU A 25 16.42 10.99 -13.51
N GLU A 26 16.28 9.93 -13.09
N GLU A 26 15.78 9.83 -13.32
CA GLU A 26 15.03 9.68 -13.79
CA GLU A 26 14.48 9.61 -13.93
C GLU A 26 13.94 10.64 -13.33
C GLU A 26 13.47 10.63 -13.44
N ALA A 27 13.78 10.81 -12.01
N ALA A 27 13.54 10.99 -12.16
CA ALA A 27 12.72 11.68 -11.50
CA ALA A 27 12.64 11.98 -11.60
C ALA A 27 12.89 13.11 -11.98
C ALA A 27 12.95 13.37 -12.15
N LYS A 28 14.13 13.62 -11.96
N LYS A 28 14.23 13.75 -12.16
CA LYS A 28 14.36 15.00 -12.41
CA LYS A 28 14.60 15.06 -12.70
C LYS A 28 13.98 15.19 -13.87
C LYS A 28 14.18 15.20 -14.15
N LYS A 29 14.11 14.15 -14.69
N LYS A 29 14.14 14.10 -14.89
CA LYS A 29 13.85 14.27 -16.11
CA LYS A 29 13.78 14.14 -16.31
C LYS A 29 12.36 14.15 -16.43
C LYS A 29 12.27 14.12 -16.51
N VAL A 30 11.64 13.24 -15.78
N VAL A 30 11.58 13.19 -15.85
CA VAL A 30 10.24 12.99 -16.09
CA VAL A 30 10.16 12.99 -16.12
C VAL A 30 9.31 13.89 -15.28
C VAL A 30 9.29 13.91 -15.28
N LYS A 31 9.70 14.23 -14.05
CA LYS A 31 8.86 14.95 -13.10
C LYS A 31 7.53 14.21 -12.96
N PRO A 32 7.56 12.95 -12.54
CA PRO A 32 6.34 12.17 -12.46
C PRO A 32 5.41 12.73 -11.40
N THR A 33 4.14 12.34 -11.52
CA THR A 33 3.18 12.69 -10.48
C THR A 33 3.59 12.12 -9.14
N VAL A 34 4.13 10.89 -9.13
CA VAL A 34 4.50 10.18 -7.91
C VAL A 34 5.85 9.51 -8.11
N VAL A 35 6.81 9.83 -7.25
CA VAL A 35 8.01 9.05 -7.06
C VAL A 35 7.90 8.32 -5.73
N VAL A 36 8.26 7.04 -5.71
CA VAL A 36 8.22 6.24 -4.51
C VAL A 36 9.58 6.29 -3.83
N ASN A 37 9.58 6.55 -2.53
N ASN A 37 9.59 6.55 -2.52
CA ASN A 37 10.77 6.46 -1.70
CA ASN A 37 10.77 6.40 -1.69
C ASN A 37 10.78 5.14 -0.94
C ASN A 37 10.70 5.08 -0.93
N ALA A 38 11.95 4.51 -0.88
N ALA A 38 11.84 4.39 -0.84
CA ALA A 38 12.20 3.35 -0.04
CA ALA A 38 12.01 3.21 0.01
C ALA A 38 12.45 3.84 1.38
C ALA A 38 12.38 3.68 1.42
N ALA A 39 11.36 4.14 2.08
N ALA A 39 11.36 4.01 2.20
CA ALA A 39 11.39 4.77 3.39
CA ALA A 39 11.51 4.66 3.49
C ALA A 39 11.54 3.75 4.50
C ALA A 39 11.60 3.64 4.62
N ASN A 40 11.91 4.25 5.68
N ASN A 40 12.03 4.13 5.79
CA ASN A 40 11.76 3.52 6.93
CA ASN A 40 11.82 3.44 7.06
C ASN A 40 10.69 4.19 7.79
C ASN A 40 10.72 4.15 7.84
N VAL A 41 10.31 3.50 8.88
N VAL A 41 10.29 3.53 8.95
CA VAL A 41 9.17 3.93 9.69
CA VAL A 41 9.12 4.03 9.67
C VAL A 41 9.39 5.29 10.33
C VAL A 41 9.33 5.42 10.24
N TYR A 42 10.64 5.72 10.46
N TYR A 42 10.58 5.81 10.51
CA TYR A 42 11.00 7.01 11.07
CA TYR A 42 10.88 7.12 11.08
C TYR A 42 11.20 8.12 10.03
C TYR A 42 11.11 8.17 10.02
N LEU A 43 11.03 7.80 8.75
CA LEU A 43 11.35 8.71 7.66
C LEU A 43 12.73 9.35 7.84
N LYS A 44 13.69 8.54 8.28
N LYS A 44 13.69 8.56 8.31
CA LYS A 44 15.09 8.97 8.36
CA LYS A 44 15.08 9.01 8.41
C LYS A 44 15.77 8.56 7.06
C LYS A 44 15.80 8.57 7.15
N HIS A 45 16.03 9.53 6.20
N HIS A 45 16.06 9.52 6.27
CA HIS A 45 16.46 9.25 4.82
CA HIS A 45 16.50 9.23 4.90
C HIS A 45 17.98 9.33 4.72
C HIS A 45 18.02 9.22 4.86
N GLY A 46 18.64 8.38 5.37
N GLY A 46 18.61 8.08 5.17
CA GLY A 46 20.08 8.43 5.54
CA GLY A 46 20.05 8.01 5.36
C GLY A 46 20.89 7.78 4.43
C GLY A 46 20.85 7.54 4.16
N GLY A 47 20.37 6.74 3.81
N GLY A 47 20.38 6.48 3.49
CA GLY A 47 21.12 5.99 2.82
CA GLY A 47 21.12 5.85 2.43
C GLY A 47 20.20 5.26 1.87
C GLY A 47 20.19 5.23 1.42
N GLY A 48 20.80 4.49 0.97
N GLY A 48 20.77 4.52 0.45
CA GLY A 48 20.01 3.82 -0.04
CA GLY A 48 19.95 3.89 -0.56
C GLY A 48 19.29 4.82 -0.91
C GLY A 48 19.12 4.91 -1.32
N VAL A 49 18.17 4.37 -1.49
N VAL A 49 17.91 4.47 -1.69
CA VAL A 49 17.34 5.25 -2.31
CA VAL A 49 16.97 5.36 -2.39
C VAL A 49 16.90 6.48 -1.54
C VAL A 49 16.71 6.61 -1.56
N ALA A 50 16.51 6.28 -0.27
N ALA A 50 16.42 6.43 -0.27
CA ALA A 50 16.01 7.40 0.52
CA ALA A 50 15.97 7.54 0.56
C ALA A 50 17.07 8.46 0.72
C ALA A 50 17.07 8.60 0.69
N GLY A 51 18.30 8.04 1.03
N GLY A 51 18.28 8.16 1.04
CA GLY A 51 19.37 9.01 1.20
CA GLY A 51 19.38 9.12 1.12
C GLY A 51 19.67 9.78 -0.07
C GLY A 51 19.61 9.83 -0.20
N ALA A 52 19.59 9.11 -1.23
N ALA A 52 19.49 9.09 -1.31
CA ALA A 52 19.87 9.78 -2.49
CA ALA A 52 19.71 9.69 -2.63
C ALA A 52 18.76 10.75 -2.88
C ALA A 52 18.63 10.70 -2.98
N LEU A 53 17.49 10.34 -2.72
N LEU A 53 17.36 10.33 -2.81
CA LEU A 53 16.38 11.23 -3.03
CA LEU A 53 16.28 11.29 -3.05
C LEU A 53 16.41 12.47 -2.14
C LEU A 53 16.44 12.51 -2.14
N ASN A 54 16.65 12.28 -0.85
CA ASN A 54 16.71 13.41 0.06
C ASN A 54 17.85 14.36 -0.30
N LYS A 55 19.03 13.81 -0.62
N LYS A 55 19.03 13.81 -0.62
CA LYS A 55 20.16 14.64 -1.02
CA LYS A 55 20.16 14.63 -1.02
C LYS A 55 19.79 15.50 -2.23
C LYS A 55 19.79 15.50 -2.23
N ALA A 56 19.07 14.91 -3.19
CA ALA A 56 18.68 15.64 -4.38
C ALA A 56 17.71 16.77 -4.09
N THR A 57 16.97 16.70 -2.97
CA THR A 57 16.10 17.80 -2.54
C THR A 57 16.81 18.79 -1.62
N ASN A 58 18.12 18.68 -1.46
CA ASN A 58 18.86 19.62 -0.61
C ASN A 58 18.39 19.52 0.85
N ASN A 59 17.97 18.32 1.27
CA ASN A 59 17.49 18.01 2.63
C ASN A 59 16.07 18.51 2.90
N ALA A 60 15.38 19.09 1.92
CA ALA A 60 14.02 19.54 2.17
C ALA A 60 13.10 18.36 2.46
N MET A 61 13.33 17.21 1.81
CA MET A 61 12.55 16.02 2.12
C MET A 61 12.68 15.64 3.60
N GLN A 62 13.89 15.68 4.14
CA GLN A 62 14.09 15.34 5.55
C GLN A 62 13.39 16.34 6.47
N VAL A 63 13.49 17.64 6.18
CA VAL A 63 12.85 18.65 7.00
C VAL A 63 11.33 18.42 7.05
N GLU A 64 10.73 18.21 5.88
CA GLU A 64 9.30 17.93 5.81
C GLU A 64 8.95 16.66 6.57
N SER A 65 9.79 15.63 6.40
CA SER A 65 9.55 14.34 7.05
C SER A 65 9.60 14.45 8.56
N ASP A 66 10.53 15.23 9.10
CA ASP A 66 10.64 15.38 10.55
C ASP A 66 9.39 16.04 11.11
N ASP A 67 8.85 17.02 10.40
CA ASP A 67 7.58 17.60 10.84
C ASP A 67 6.45 16.59 10.78
N TYR A 68 6.41 15.77 9.71
CA TYR A 68 5.39 14.74 9.61
C TYR A 68 5.44 13.79 10.81
N ILE A 69 6.64 13.30 11.16
CA ILE A 69 6.77 12.36 12.27
C ILE A 69 6.41 13.04 13.59
N ALA A 70 6.84 14.29 13.79
CA ALA A 70 6.52 15.00 15.02
C ALA A 70 5.02 15.11 15.22
N THR A 71 4.25 15.21 14.14
CA THR A 71 2.81 15.32 14.24
C THR A 71 2.11 13.97 14.34
N ASN A 72 2.57 12.99 13.57
CA ASN A 72 1.82 11.77 13.33
C ASN A 72 2.43 10.51 13.93
N GLY A 73 3.70 10.56 14.34
CA GLY A 73 4.37 9.37 14.78
C GLY A 73 4.82 8.51 13.62
N PRO A 74 5.51 7.42 13.93
CA PRO A 74 6.09 6.58 12.88
C PRO A 74 5.05 5.89 12.01
N LEU A 75 5.47 5.57 10.80
CA LEU A 75 4.67 4.71 9.93
C LEU A 75 4.73 3.28 10.46
N LYS A 76 3.89 2.43 9.86
CA LYS A 76 3.94 0.99 10.03
C LYS A 76 4.82 0.37 8.95
N VAL A 77 5.52 -0.72 9.29
CA VAL A 77 6.12 -1.54 8.24
C VAL A 77 5.00 -2.08 7.35
N GLY A 78 5.13 -1.87 6.04
CA GLY A 78 4.07 -2.16 5.09
C GLY A 78 3.21 -0.96 4.75
N GLY A 79 3.37 0.14 5.47
CA GLY A 79 2.56 1.33 5.28
C GLY A 79 3.24 2.39 4.45
N SER A 80 2.58 3.54 4.35
CA SER A 80 3.04 4.63 3.50
C SER A 80 2.44 5.95 3.93
N CYS A 81 3.03 7.04 3.43
CA CYS A 81 2.39 8.34 3.49
C CYS A 81 2.77 9.11 2.22
N VAL A 82 1.90 10.05 1.85
CA VAL A 82 2.12 10.93 0.71
C VAL A 82 2.64 12.26 1.23
N LEU A 83 3.82 12.68 0.75
CA LEU A 83 4.39 13.97 1.07
C LEU A 83 4.76 14.66 -0.24
N SER A 84 5.38 15.83 -0.15
CA SER A 84 5.78 16.54 -1.36
C SER A 84 6.85 15.78 -2.12
N GLY A 85 6.84 15.94 -3.44
CA GLY A 85 7.93 15.47 -4.26
C GLY A 85 9.03 16.50 -4.45
N HIS A 86 8.87 17.68 -3.90
CA HIS A 86 9.91 18.73 -3.94
C HIS A 86 10.25 19.00 -5.40
N ASN A 87 11.53 19.07 -5.75
CA ASN A 87 11.97 19.35 -7.10
C ASN A 87 11.99 18.11 -7.99
N LEU A 88 11.60 16.95 -7.47
N LEU A 88 11.60 16.95 -7.47
CA LEU A 88 11.73 15.68 -8.18
CA LEU A 88 11.73 15.69 -8.20
C LEU A 88 10.43 15.20 -8.82
C LEU A 88 10.43 15.17 -8.82
N ALA A 89 9.29 15.50 -8.20
CA ALA A 89 8.00 14.97 -8.61
C ALA A 89 6.95 15.83 -7.94
N LYS A 90 5.68 15.65 -8.35
N LYS A 90 5.69 15.67 -8.35
CA LYS A 90 4.61 16.34 -7.64
CA LYS A 90 4.61 16.33 -7.63
C LYS A 90 4.51 15.84 -6.21
C LYS A 90 4.54 15.84 -6.20
N HIS A 91 4.47 14.51 -6.04
CA HIS A 91 4.35 13.88 -4.74
C HIS A 91 5.43 12.83 -4.58
N CYS A 92 5.80 12.57 -3.33
CA CYS A 92 6.60 11.40 -2.97
C CYS A 92 5.75 10.49 -2.10
N LEU A 93 5.59 9.25 -2.55
CA LEU A 93 4.94 8.21 -1.76
C LEU A 93 6.04 7.47 -0.99
N HIS A 94 6.12 7.74 0.32
CA HIS A 94 7.10 7.07 1.17
C HIS A 94 6.50 5.73 1.59
N VAL A 95 7.10 4.64 1.12
CA VAL A 95 6.60 3.28 1.38
C VAL A 95 7.63 2.53 2.19
N VAL A 96 7.20 1.88 3.26
N VAL A 96 7.19 1.87 3.26
CA VAL A 96 8.09 1.11 4.12
CA VAL A 96 8.08 1.11 4.14
C VAL A 96 7.94 -0.37 3.77
C VAL A 96 7.95 -0.37 3.80
N GLY A 97 8.92 -0.91 3.05
N GLY A 97 8.91 -0.90 3.05
CA GLY A 97 9.04 -2.34 2.92
CA GLY A 97 9.03 -2.33 2.90
C GLY A 97 9.73 -2.91 4.15
C GLY A 97 9.80 -2.90 4.07
N PRO A 98 9.57 -4.20 4.40
N PRO A 98 9.62 -4.19 4.35
CA PRO A 98 10.29 -4.81 5.52
CA PRO A 98 10.39 -4.82 5.42
C PRO A 98 11.79 -4.83 5.26
C PRO A 98 11.88 -4.80 5.13
N ASN A 99 12.56 -4.52 6.31
N ASN A 99 12.68 -4.50 6.18
CA ASN A 99 14.01 -4.58 6.26
CA ASN A 99 14.14 -4.48 6.09
C ASN A 99 14.42 -5.94 6.82
C ASN A 99 14.66 -5.74 6.77
N VAL A 100 15.01 -6.78 5.96
N VAL A 100 15.09 -6.71 5.96
CA VAL A 100 15.47 -8.10 6.39
CA VAL A 100 15.58 -8.00 6.46
C VAL A 100 16.61 -7.96 7.39
C VAL A 100 16.81 -7.80 7.34
N ASN A 101 17.46 -6.95 7.23
N ASN A 101 17.62 -6.79 7.07
CA ASN A 101 18.54 -6.70 8.18
CA ASN A 101 18.80 -6.57 7.89
C ASN A 101 18.03 -6.16 9.51
C ASN A 101 18.46 -6.01 9.27
N LYS A 102 16.72 -6.02 9.68
N LYS A 102 17.21 -5.56 9.47
CA LYS A 102 16.10 -5.78 10.97
CA LYS A 102 16.69 -5.21 10.78
C LYS A 102 15.22 -6.94 11.41
C LYS A 102 15.91 -6.33 11.44
N GLY A 103 15.15 -8.02 10.63
N GLY A 103 15.84 -7.51 10.80
CA GLY A 103 14.37 -9.18 11.00
CA GLY A 103 15.03 -8.58 11.32
C GLY A 103 12.88 -9.07 10.75
C GLY A 103 13.55 -8.41 11.12
N GLU A 104 12.46 -8.18 9.86
N GLU A 104 13.14 -7.56 10.18
CA GLU A 104 11.05 -7.91 9.65
CA GLU A 104 11.73 -7.36 9.90
C GLU A 104 10.44 -8.90 8.65
C GLU A 104 11.19 -8.47 9.00
N ASP A 105 9.16 -9.22 8.87
N ASP A 105 9.87 -8.61 9.01
CA ASP A 105 8.48 -10.28 8.12
CA ASP A 105 9.18 -9.76 8.42
C ASP A 105 8.38 -9.93 6.64
C ASP A 105 9.03 -9.54 6.93
N ILE A 106 8.92 -10.81 5.80
N ILE A 106 9.77 -10.31 6.12
CA ILE A 106 8.92 -10.56 4.36
CA ILE A 106 9.67 -10.21 4.68
C ILE A 106 7.51 -10.57 3.78
C ILE A 106 8.24 -10.49 4.18
N GLN A 107 6.55 -11.23 4.45
N GLN A 107 7.42 -11.17 4.99
CA GLN A 107 5.17 -11.21 4.00
CA GLN A 107 6.04 -11.41 4.59
C GLN A 107 4.61 -9.79 3.96
C GLN A 107 5.25 -10.13 4.37
N LEU A 108 5.18 -8.88 4.76
N LEU A 108 5.71 -9.00 4.92
CA LEU A 108 4.78 -7.48 4.71
CA LEU A 108 4.99 -7.74 4.76
C LEU A 108 5.12 -6.82 3.38
C LEU A 108 5.26 -7.04 3.43
N LEU A 109 5.95 -7.46 2.55
N LEU A 109 6.02 -7.66 2.52
CA LEU A 109 6.30 -6.87 1.27
CA LEU A 109 6.35 -7.02 1.26
C LEU A 109 5.09 -6.73 0.37
C LEU A 109 5.10 -6.77 0.41
N LYS A 110 4.18 -7.72 0.38
CA LYS A 110 2.96 -7.55 -0.42
C LYS A 110 2.15 -6.36 0.07
N SER A 111 1.99 -6.22 1.38
CA SER A 111 1.27 -5.06 1.93
C SER A 111 1.94 -3.76 1.49
N ALA A 112 3.26 -3.72 1.49
CA ALA A 112 3.98 -2.53 1.08
C ALA A 112 3.65 -2.17 -0.37
N TYR A 113 3.69 -3.16 -1.27
CA TYR A 113 3.37 -2.89 -2.67
C TYR A 113 1.90 -2.49 -2.88
N GLU A 114 0.98 -2.94 -2.02
CA GLU A 114 -0.42 -2.56 -2.18
C GLU A 114 -0.60 -1.04 -2.14
N ASN A 115 0.29 -0.33 -1.44
CA ASN A 115 0.18 1.13 -1.42
C ASN A 115 0.26 1.72 -2.82
N PHE A 116 0.98 1.06 -3.74
CA PHE A 116 1.13 1.59 -5.09
C PHE A 116 -0.23 1.67 -5.80
N ASN A 117 -1.19 0.81 -5.42
CA ASN A 117 -2.45 0.75 -6.14
C ASN A 117 -3.32 1.98 -5.92
N GLN A 118 -2.95 2.86 -5.00
CA GLN A 118 -3.68 4.10 -4.79
C GLN A 118 -3.25 5.20 -5.76
N HIS A 119 -2.35 4.91 -6.69
CA HIS A 119 -1.82 5.90 -7.61
C HIS A 119 -1.79 5.30 -9.01
N GLU A 120 -2.31 6.04 -9.99
N GLU A 120 -2.30 6.05 -9.99
CA GLU A 120 -2.46 5.49 -11.34
CA GLU A 120 -2.46 5.52 -11.34
C GLU A 120 -1.13 5.22 -12.03
C GLU A 120 -1.12 5.21 -12.01
N VAL A 121 -0.11 6.05 -11.76
CA VAL A 121 1.21 5.90 -12.37
C VAL A 121 2.27 6.27 -11.33
N LEU A 122 3.34 5.47 -11.25
CA LEU A 122 4.41 5.73 -10.30
C LEU A 122 5.77 5.40 -10.89
N LEU A 123 6.75 6.22 -10.54
N LEU A 123 6.77 6.17 -10.48
CA LEU A 123 8.16 5.85 -10.65
CA LEU A 123 8.18 5.85 -10.68
C LEU A 123 8.58 5.27 -9.31
C LEU A 123 8.72 5.34 -9.34
N ALA A 124 9.26 4.12 -9.32
CA ALA A 124 9.55 3.46 -8.05
C ALA A 124 10.82 2.62 -8.10
N PRO A 125 11.45 2.40 -6.95
CA PRO A 125 12.48 1.37 -6.82
C PRO A 125 11.82 0.04 -6.47
N LEU A 126 12.62 -1.02 -6.49
N LEU A 126 12.62 -1.02 -6.61
CA LEU A 126 12.14 -2.29 -5.94
CA LEU A 126 12.24 -2.35 -6.16
C LEU A 126 12.15 -2.23 -4.42
C LEU A 126 12.28 -2.38 -4.64
N LEU A 127 10.99 -2.48 -3.80
N LEU A 127 11.13 -2.69 -4.03
CA LEU A 127 10.88 -2.37 -2.35
CA LEU A 127 11.03 -2.61 -2.58
C LEU A 127 11.62 -3.51 -1.66
C LEU A 127 11.83 -3.71 -1.89
N SER A 128 12.24 -3.19 -0.53
N SER A 128 12.34 -3.38 -0.71
CA SER A 128 13.00 -4.10 0.32
CA SER A 128 13.09 -4.30 0.15
C SER A 128 14.28 -4.60 -0.34
C SER A 128 14.36 -4.85 -0.49
N ALA A 129 14.64 -4.08 -1.51
N ALA A 129 14.80 -4.27 -1.60
CA ALA A 129 15.89 -4.42 -2.18
CA ALA A 129 16.00 -4.73 -2.28
C ALA A 129 17.05 -3.60 -1.61
C ALA A 129 17.22 -3.94 -1.77
N GLY A 130 18.23 -3.76 -2.19
N GLY A 130 18.36 -4.14 -2.42
CA GLY A 130 19.38 -3.00 -1.74
CA GLY A 130 19.56 -3.43 -2.02
C GLY A 130 19.64 -3.22 -0.27
C GLY A 130 19.84 -3.61 -0.55
N ILE A 131 19.87 -2.13 0.47
N ILE A 131 20.15 -2.50 0.13
CA ILE A 131 20.26 -2.23 1.87
CA ILE A 131 20.52 -2.55 1.55
C ILE A 131 19.14 -2.73 2.77
C ILE A 131 19.35 -2.92 2.46
N PHE A 132 17.92 -2.88 2.24
N PHE A 132 18.14 -3.08 1.92
CA PHE A 132 16.86 -3.50 3.02
CA PHE A 132 17.06 -3.63 2.74
C PHE A 132 16.97 -5.02 3.06
C PHE A 132 17.13 -5.15 2.87
N GLY A 133 17.82 -5.64 2.22
N GLY A 133 18.00 -5.82 2.11
CA GLY A 133 18.26 -7.00 2.46
CA GLY A 133 18.41 -7.16 2.43
C GLY A 133 17.49 -8.10 1.76
C GLY A 133 17.52 -8.30 1.98
N ALA A 134 16.34 -7.81 1.14
N ALA A 134 16.44 -8.04 1.23
CA ALA A 134 15.56 -8.87 0.51
CA ALA A 134 15.59 -9.12 0.74
C ALA A 134 16.11 -9.21 -0.87
C ALA A 134 16.06 -9.61 -0.64
N ASP A 135 15.72 -10.39 -1.37
N ASP A 135 15.51 -10.73 -1.05
CA ASP A 135 16.08 -10.83 -2.71
CA ASP A 135 15.79 -11.32 -2.36
C ASP A 135 15.34 -9.96 -3.74
C ASP A 135 15.14 -10.47 -3.44
N PRO A 136 16.05 -9.18 -4.55
N PRO A 136 15.91 -9.83 -4.33
CA PRO A 136 15.35 -8.33 -5.53
CA PRO A 136 15.28 -8.94 -5.32
C PRO A 136 14.54 -9.11 -6.56
C PRO A 136 14.44 -9.67 -6.35
N ILE A 137 14.92 -10.34 -6.87
N ILE A 137 14.80 -10.90 -6.71
CA ILE A 137 14.11 -11.16 -7.76
CA ILE A 137 13.97 -11.68 -7.63
C ILE A 137 12.73 -11.42 -7.15
C ILE A 137 12.58 -11.87 -7.02
N HIS A 138 12.72 -11.71 -5.84
N HIS A 138 12.53 -12.21 -5.73
CA HIS A 138 11.46 -11.89 -5.13
CA HIS A 138 11.26 -12.36 -5.05
C HIS A 138 10.65 -10.59 -5.11
C HIS A 138 10.50 -11.04 -5.02
N SER A 139 11.32 -9.46 -4.85
N SER A 139 11.19 -9.93 -4.75
CA SER A 139 10.62 -8.18 -4.81
CA SER A 139 10.49 -8.65 -4.69
C SER A 139 9.96 -7.87 -6.15
C SER A 139 9.85 -8.29 -6.02
N LEU A 140 10.64 -8.15 -7.26
N LEU A 140 10.55 -8.55 -7.13
CA LEU A 140 10.04 -7.92 -8.56
CA LEU A 140 9.99 -8.25 -8.44
C LEU A 140 8.82 -8.82 -8.77
C LEU A 140 8.76 -9.09 -8.71
N ARG A 141 8.91 -10.07 -8.32
N ARG A 141 8.80 -10.36 -8.31
CA ARG A 141 7.79 -11.00 -8.46
CA ARG A 141 7.63 -11.22 -8.42
C ARG A 141 6.58 -10.51 -7.67
C ARG A 141 6.45 -10.65 -7.63
N VAL A 142 6.78 -10.16 -6.40
N VAL A 142 6.70 -10.20 -6.40
CA VAL A 142 5.67 -9.64 -5.59
CA VAL A 142 5.63 -9.64 -5.59
C VAL A 142 5.10 -8.39 -6.23
C VAL A 142 5.09 -8.37 -6.23
N CYS A 143 5.98 -7.52 -6.76
CA CYS A 143 5.52 -6.30 -7.43
C CYS A 143 4.55 -6.63 -8.56
N VAL A 144 4.96 -7.52 -9.47
CA VAL A 144 4.13 -7.82 -10.63
C VAL A 144 2.83 -8.48 -10.22
N ASP A 145 2.85 -9.27 -9.14
CA ASP A 145 1.67 -10.00 -8.69
C ASP A 145 0.78 -9.18 -7.75
N THR A 146 1.18 -7.95 -7.40
CA THR A 146 0.41 -7.14 -6.47
C THR A 146 -0.02 -5.81 -7.04
N VAL A 147 0.87 -5.12 -7.74
CA VAL A 147 0.56 -3.80 -8.27
C VAL A 147 -0.25 -3.96 -9.55
N ARG A 148 -1.38 -3.25 -9.61
CA ARG A 148 -2.25 -3.22 -10.77
C ARG A 148 -2.19 -1.93 -11.54
N THR A 149 -1.68 -0.86 -10.93
CA THR A 149 -1.50 0.42 -11.58
C THR A 149 -0.17 0.42 -12.34
N ASN A 150 0.10 1.50 -13.06
CA ASN A 150 1.24 1.52 -13.98
C ASN A 150 2.50 1.92 -13.22
N VAL A 151 3.45 0.99 -13.12
CA VAL A 151 4.66 1.21 -12.35
C VAL A 151 5.88 1.11 -13.26
N TYR A 152 6.74 2.13 -13.13
CA TYR A 152 8.01 2.24 -13.84
C TYR A 152 9.10 2.05 -12.80
N LEU A 153 9.74 0.89 -12.84
N LEU A 153 9.80 0.93 -12.87
CA LEU A 153 10.74 0.49 -11.86
CA LEU A 153 10.83 0.59 -11.91
C LEU A 153 12.13 0.90 -12.33
C LEU A 153 12.19 1.05 -12.40
N ALA A 154 12.82 1.67 -11.51
N ALA A 154 12.92 1.73 -11.51
CA ALA A 154 14.21 2.04 -11.75
CA ALA A 154 14.29 2.18 -11.78
C ALA A 154 15.10 1.15 -10.89
C ALA A 154 15.21 1.39 -10.87
N VAL A 155 16.04 0.47 -11.55
N VAL A 155 16.04 0.55 -11.47
CA VAL A 155 17.01 -0.40 -10.89
CA VAL A 155 17.01 -0.28 -10.76
C VAL A 155 18.38 0.23 -11.10
C VAL A 155 18.37 0.36 -10.93
N PHE A 156 19.01 0.70 -10.03
N PHE A 156 19.02 0.67 -9.81
CA PHE A 156 20.26 1.43 -10.15
CA PHE A 156 20.29 1.39 -9.86
C PHE A 156 21.38 0.55 -10.70
C PHE A 156 21.43 0.48 -10.30
N ASP A 157 21.45 -0.70 -10.25
N ASP A 157 21.56 -0.68 -9.66
CA ASP A 157 22.58 -1.57 -10.61
CA ASP A 157 22.72 -1.52 -9.88
C ASP A 157 22.32 -2.20 -11.97
C ASP A 157 22.62 -2.24 -11.22
N LYS A 158 23.24 -1.98 -12.91
N LYS A 158 23.60 -2.04 -12.09
CA LYS A 158 23.09 -2.60 -14.23
CA LYS A 158 23.56 -2.62 -13.43
C LYS A 158 23.21 -4.11 -14.15
C LYS A 158 23.53 -4.14 -13.39
N ASN A 159 24.17 -4.62 -13.36
N ASN A 159 24.42 -4.73 -12.59
CA ASN A 159 24.30 -6.06 -13.21
CA ASN A 159 24.46 -6.20 -12.50
C ASN A 159 23.06 -6.66 -12.58
C ASN A 159 23.13 -6.74 -11.99
N LEU A 160 22.45 -5.97 -11.61
N LEU A 160 22.53 -6.05 -11.01
CA LEU A 160 21.21 -6.48 -11.04
CA LEU A 160 21.22 -6.45 -10.52
C LEU A 160 20.06 -6.39 -12.04
C LEU A 160 20.17 -6.39 -11.63
N TYR A 161 20.02 -5.31 -12.82
N TYR A 161 20.13 -5.28 -12.37
CA TYR A 161 18.97 -5.15 -13.82
CA TYR A 161 19.18 -5.15 -13.46
C TYR A 161 18.98 -6.31 -14.82
C TYR A 161 19.31 -6.30 -14.44
N ASP A 162 20.16 -6.64 -15.35
N ASP A 162 20.54 -6.59 -14.87
CA ASP A 162 20.24 -7.70 -16.34
CA ASP A 162 20.74 -7.66 -15.84
C ASP A 162 19.80 -9.03 -15.74
C ASP A 162 20.26 -8.99 -15.28
N LYS A 163 20.14 -9.29 -14.47
N LYS A 163 20.54 -9.25 -14.00
CA LYS A 163 19.70 -10.50 -13.82
CA LYS A 163 20.10 -10.48 -13.35
C LYS A 163 18.19 -10.50 -13.62
C LYS A 163 18.59 -10.55 -13.27
N LEU A 164 17.62 -9.37 -13.22
N LEU A 164 17.93 -9.44 -12.95
CA LEU A 164 16.18 -9.28 -13.03
CA LEU A 164 16.48 -9.42 -12.83
C LEU A 164 15.45 -9.58 -14.33
C LEU A 164 15.81 -9.69 -14.17
N VAL A 165 15.93 -9.01 -15.44
N VAL A 165 16.28 -9.04 -15.22
CA VAL A 165 15.28 -9.23 -16.73
CA VAL A 165 15.71 -9.26 -16.56
C VAL A 165 15.45 -10.68 -17.18
C VAL A 165 15.90 -10.70 -16.96
N SER A 166 16.68 -11.19 -17.10
N SER A 166 17.12 -11.22 -16.82
CA SER A 166 16.97 -12.51 -17.64
CA SER A 166 17.41 -12.54 -17.34
C SER A 166 16.26 -13.61 -16.86
C SER A 166 16.69 -13.64 -16.58
N SER A 167 15.95 -13.39 -15.58
N SER A 167 16.23 -13.37 -15.36
CA SER A 167 15.31 -14.41 -14.77
CA SER A 167 15.55 -14.38 -14.56
C SER A 167 13.80 -14.21 -14.62
C SER A 167 14.05 -14.17 -14.47
N PHE A 168 13.23 -13.21 -15.27
N PHE A 168 13.49 -13.17 -15.14
CA PHE A 168 11.81 -12.93 -15.08
CA PHE A 168 12.08 -12.82 -14.95
C PHE A 168 10.94 -13.96 -15.77
C PHE A 168 11.19 -13.82 -15.68
N LEU A 169 9.94 -14.48 -15.07
N LEU A 169 10.18 -14.33 -14.97
CA LEU A 169 9.02 -15.45 -15.64
CA LEU A 169 9.25 -15.30 -15.53
C LEU A 169 7.76 -14.74 -16.12
C LEU A 169 8.03 -14.60 -16.15
N SER B 1 -8.45 -5.56 31.01
N SER B 1 -8.36 -5.46 31.03
CA SER B 1 -9.58 -5.15 30.13
CA SER B 1 -9.54 -5.12 30.21
C SER B 1 -9.67 -6.05 28.91
C SER B 1 -9.59 -5.94 28.93
N MET B 2 -10.88 -6.18 28.39
N MET B 2 -10.78 -6.05 28.37
CA MET B 2 -11.17 -7.03 27.23
CA MET B 2 -11.07 -6.91 27.22
C MET B 2 -11.35 -6.16 26.00
C MET B 2 -11.25 -6.04 25.98
N VAL B 3 -10.46 -6.33 25.03
N VAL B 3 -10.38 -6.23 25.00
CA VAL B 3 -10.59 -5.72 23.72
CA VAL B 3 -10.53 -5.64 23.67
C VAL B 3 -10.47 -6.83 22.68
C VAL B 3 -10.36 -6.75 22.63
N ASN B 4 -11.01 -6.56 21.49
CA ASN B 4 -10.97 -7.54 20.40
C ASN B 4 -11.47 -8.92 20.87
N SER B 5 -12.54 -8.93 21.65
N SER B 5 -12.54 -8.93 21.65
CA SER B 5 -13.10 -10.18 22.15
CA SER B 5 -13.11 -10.18 22.16
C SER B 5 -14.24 -10.63 21.24
C SER B 5 -14.24 -10.63 21.24
N PHE B 6 -13.83 -11.13 20.07
CA PHE B 6 -14.79 -11.64 19.09
C PHE B 6 -15.23 -13.03 19.50
N SER B 7 -16.55 -13.26 19.49
CA SER B 7 -17.10 -14.56 19.86
C SER B 7 -18.25 -14.91 18.94
N GLY B 8 -18.37 -16.20 18.64
CA GLY B 8 -19.47 -16.68 17.82
C GLY B 8 -19.29 -16.52 16.35
N TYR B 9 -18.06 -16.34 15.86
CA TYR B 9 -17.82 -16.20 14.44
C TYR B 9 -17.57 -17.55 13.79
N LEU B 10 -18.04 -17.67 12.56
CA LEU B 10 -17.80 -18.83 11.73
C LEU B 10 -16.54 -18.58 10.90
N LYS B 11 -15.63 -19.55 10.93
N LYS B 11 -15.62 -19.54 10.93
CA LYS B 11 -14.37 -19.45 10.19
CA LYS B 11 -14.37 -19.43 10.20
C LYS B 11 -14.63 -19.78 8.72
C LYS B 11 -14.61 -19.78 8.74
N LEU B 12 -14.28 -18.85 7.84
CA LEU B 12 -14.34 -19.10 6.39
C LEU B 12 -12.98 -19.47 5.82
N THR B 13 -11.95 -18.69 6.16
CA THR B 13 -10.57 -18.99 5.83
C THR B 13 -9.73 -18.79 7.08
N ASP B 14 -8.42 -18.98 6.94
CA ASP B 14 -7.53 -18.82 8.09
C ASP B 14 -7.61 -17.42 8.71
N ASN B 15 -8.06 -16.42 7.95
CA ASN B 15 -8.08 -15.04 8.45
C ASN B 15 -9.41 -14.33 8.29
N VAL B 16 -10.43 -14.95 7.70
CA VAL B 16 -11.71 -14.31 7.47
C VAL B 16 -12.78 -15.07 8.23
N TYR B 17 -13.51 -14.33 9.08
CA TYR B 17 -14.54 -14.86 9.96
C TYR B 17 -15.83 -14.08 9.71
N ILE B 18 -16.97 -14.71 9.99
CA ILE B 18 -18.25 -14.08 9.67
C ILE B 18 -19.28 -14.41 10.74
N LYS B 19 -20.16 -13.45 11.01
CA LYS B 19 -21.20 -13.58 12.03
C LYS B 19 -22.45 -12.84 11.60
N ASN B 20 -23.60 -13.41 11.93
CA ASN B 20 -24.87 -12.72 11.73
C ASN B 20 -25.07 -11.79 12.91
N ALA B 21 -24.84 -10.48 12.70
CA ALA B 21 -24.92 -9.54 13.81
C ALA B 21 -25.03 -8.12 13.30
N ASP B 22 -25.51 -7.27 14.22
CA ASP B 22 -25.57 -5.81 14.05
C ASP B 22 -24.19 -5.25 14.39
N ILE B 23 -23.53 -4.61 13.42
CA ILE B 23 -22.13 -4.20 13.62
C ILE B 23 -21.99 -3.18 14.75
N VAL B 24 -22.99 -2.35 15.00
CA VAL B 24 -22.95 -1.42 16.13
C VAL B 24 -22.97 -2.19 17.44
N GLU B 25 -23.92 -3.11 17.60
CA GLU B 25 -23.97 -3.91 18.81
C GLU B 25 -22.71 -4.74 18.98
N GLU B 26 -22.20 -5.28 17.87
N GLU B 26 -22.20 -5.29 17.87
CA GLU B 26 -20.95 -6.05 17.93
CA GLU B 26 -20.96 -6.04 17.90
C GLU B 26 -19.80 -5.17 18.39
C GLU B 26 -19.81 -5.17 18.40
N ALA B 27 -19.70 -3.96 17.85
CA ALA B 27 -18.60 -3.09 18.25
C ALA B 27 -18.65 -2.80 19.74
N LYS B 28 -19.84 -2.54 20.28
CA LYS B 28 -19.94 -2.23 21.69
C LYS B 28 -19.60 -3.43 22.56
N LYS B 29 -19.82 -4.64 22.07
N LYS B 29 -19.85 -4.64 22.07
CA LYS B 29 -19.54 -5.84 22.84
CA LYS B 29 -19.54 -5.85 22.83
C LYS B 29 -18.09 -6.29 22.70
C LYS B 29 -18.07 -6.22 22.71
N VAL B 30 -17.55 -6.27 21.47
CA VAL B 30 -16.21 -6.76 21.21
C VAL B 30 -15.13 -5.78 21.63
N LYS B 31 -15.45 -4.49 21.64
N LYS B 31 -15.44 -4.49 21.61
CA LYS B 31 -14.47 -3.42 21.88
CA LYS B 31 -14.49 -3.43 21.88
C LYS B 31 -13.25 -3.57 20.96
C LYS B 31 -13.27 -3.56 20.97
N PRO B 32 -13.46 -3.49 19.64
CA PRO B 32 -12.35 -3.71 18.71
C PRO B 32 -11.41 -2.52 18.64
N THR B 33 -10.15 -2.81 18.30
CA THR B 33 -9.21 -1.75 17.99
C THR B 33 -9.67 -0.95 16.78
N VAL B 34 -10.24 -1.63 15.78
CA VAL B 34 -10.64 -0.99 14.53
C VAL B 34 -12.03 -1.49 14.14
N VAL B 35 -12.96 -0.55 13.94
CA VAL B 35 -14.20 -0.83 13.22
C VAL B 35 -14.11 -0.15 11.87
N VAL B 36 -14.50 -0.87 10.82
CA VAL B 36 -14.50 -0.32 9.47
C VAL B 36 -15.85 0.32 9.19
N ASN B 37 -15.83 1.52 8.63
CA ASN B 37 -17.01 2.18 8.10
C ASN B 37 -17.06 2.04 6.59
N ALA B 38 -18.27 1.77 6.08
CA ALA B 38 -18.59 1.79 4.65
C ALA B 38 -18.81 3.24 4.25
N ALA B 39 -17.70 3.94 4.04
CA ALA B 39 -17.68 5.38 3.83
C ALA B 39 -17.82 5.76 2.35
N ASN B 40 -18.11 7.03 2.12
CA ASN B 40 -17.99 7.67 0.81
C ASN B 40 -16.89 8.72 0.86
N VAL B 41 -16.55 9.28 -0.31
CA VAL B 41 -15.34 10.10 -0.41
C VAL B 41 -15.43 11.38 0.43
N TYR B 42 -16.63 11.90 0.67
CA TYR B 42 -16.79 13.09 1.50
C TYR B 42 -17.16 12.77 2.94
N LEU B 43 -17.11 11.50 3.34
CA LEU B 43 -17.38 11.09 4.70
C LEU B 43 -18.72 11.65 5.17
N LYS B 44 -19.73 11.57 4.30
CA LYS B 44 -21.09 11.96 4.65
C LYS B 44 -21.84 10.70 5.04
N HIS B 45 -22.07 10.53 6.33
CA HIS B 45 -22.52 9.26 6.90
C HIS B 45 -24.05 9.22 6.98
N GLY B 46 -24.66 9.11 5.82
CA GLY B 46 -26.11 9.22 5.73
C GLY B 46 -26.87 7.95 6.00
N GLY B 47 -26.53 6.86 5.30
CA GLY B 47 -27.36 5.68 5.28
C GLY B 47 -26.55 4.42 5.54
N GLY B 48 -27.26 3.29 5.58
CA GLY B 48 -26.59 2.02 5.76
C GLY B 48 -25.69 1.99 6.97
N VAL B 49 -24.55 1.31 6.81
CA VAL B 49 -23.61 1.16 7.92
C VAL B 49 -23.15 2.52 8.44
N ALA B 50 -22.78 3.43 7.55
CA ALA B 50 -22.24 4.70 7.99
C ALA B 50 -23.27 5.49 8.81
N GLY B 51 -24.52 5.49 8.37
CA GLY B 51 -25.54 6.16 9.14
C GLY B 51 -25.71 5.56 10.52
N ALA B 52 -25.66 4.23 10.62
CA ALA B 52 -25.81 3.57 11.89
C ALA B 52 -24.62 3.84 12.82
N LEU B 53 -23.40 3.77 12.30
CA LEU B 53 -22.23 4.07 13.13
C LEU B 53 -22.30 5.50 13.63
N ASN B 54 -22.58 6.45 12.73
CA ASN B 54 -22.60 7.84 13.13
C ASN B 54 -23.69 8.09 14.18
N LYS B 55 -24.87 7.52 13.98
CA LYS B 55 -25.94 7.68 14.97
C LYS B 55 -25.51 7.16 16.33
N ALA B 56 -24.81 6.04 16.37
CA ALA B 56 -24.35 5.49 17.63
C ALA B 56 -23.42 6.44 18.35
N THR B 57 -22.65 7.24 17.60
CA THR B 57 -21.75 8.23 18.19
C THR B 57 -22.45 9.56 18.50
N ASN B 58 -23.77 9.62 18.36
CA ASN B 58 -24.50 10.86 18.58
C ASN B 58 -23.96 12.00 17.71
N ASN B 59 -23.61 11.68 16.46
CA ASN B 59 -23.15 12.61 15.43
C ASN B 59 -21.71 13.06 15.63
N ALA B 60 -21.01 12.57 16.66
CA ALA B 60 -19.63 12.98 16.86
C ALA B 60 -18.76 12.55 15.67
N MET B 61 -19.06 11.39 15.08
CA MET B 61 -18.31 10.94 13.93
C MET B 61 -18.46 11.91 12.76
N GLN B 62 -19.68 12.41 12.52
CA GLN B 62 -19.88 13.32 11.41
C GLN B 62 -19.17 14.64 11.63
N VAL B 63 -19.20 15.18 12.85
CA VAL B 63 -18.51 16.44 13.13
C VAL B 63 -17.01 16.28 12.89
N GLU B 64 -16.44 15.18 13.40
CA GLU B 64 -15.02 14.92 13.20
C GLU B 64 -14.70 14.74 11.72
N SER B 65 -15.58 14.05 11.00
CA SER B 65 -15.36 13.79 9.58
C SER B 65 -15.39 15.08 8.77
N ASP B 66 -16.34 15.98 9.07
CA ASP B 66 -16.41 17.24 8.34
C ASP B 66 -15.14 18.06 8.54
N ASP B 67 -14.60 18.06 9.76
CA ASP B 67 -13.34 18.74 10.01
C ASP B 67 -12.19 18.09 9.26
N TYR B 68 -12.16 16.76 9.20
CA TYR B 68 -11.14 16.07 8.41
C TYR B 68 -11.20 16.51 6.95
N ILE B 69 -12.40 16.56 6.38
CA ILE B 69 -12.56 16.94 4.98
C ILE B 69 -12.13 18.38 4.75
N ALA B 70 -12.48 19.28 5.66
CA ALA B 70 -12.05 20.67 5.51
C ALA B 70 -10.54 20.78 5.41
N THR B 71 -9.82 19.95 6.19
CA THR B 71 -8.37 20.02 6.22
C THR B 71 -7.73 19.28 5.05
N ASN B 72 -8.30 18.14 4.65
CA ASN B 72 -7.63 17.19 3.76
C ASN B 72 -8.29 17.01 2.41
N GLY B 73 -9.54 17.43 2.25
CA GLY B 73 -10.27 17.16 1.03
C GLY B 73 -10.78 15.73 0.99
N PRO B 74 -11.51 15.40 -0.07
CA PRO B 74 -12.14 14.08 -0.15
C PRO B 74 -11.13 12.96 -0.33
N LEU B 75 -11.54 11.77 0.11
CA LEU B 75 -10.80 10.56 -0.15
C LEU B 75 -10.94 10.17 -1.62
N LYS B 76 -10.13 9.20 -2.03
CA LYS B 76 -10.27 8.54 -3.32
C LYS B 76 -11.16 7.31 -3.14
N VAL B 77 -11.96 6.99 -4.17
CA VAL B 77 -12.60 5.68 -4.19
C VAL B 77 -11.52 4.62 -4.16
N GLY B 78 -11.62 3.66 -3.24
CA GLY B 78 -10.60 2.67 -3.00
C GLY B 78 -9.66 3.04 -1.87
N GLY B 79 -9.75 4.27 -1.34
CA GLY B 79 -8.88 4.72 -0.28
C GLY B 79 -9.55 4.69 1.08
N SER B 80 -8.83 5.20 2.08
CA SER B 80 -9.31 5.15 3.46
C SER B 80 -8.65 6.25 4.29
N CYS B 81 -9.21 6.48 5.47
CA CYS B 81 -8.53 7.24 6.50
C CYS B 81 -8.89 6.66 7.86
N VAL B 82 -8.00 6.88 8.82
CA VAL B 82 -8.19 6.46 10.20
C VAL B 82 -8.63 7.67 11.01
N LEU B 83 -9.78 7.55 11.67
CA LEU B 83 -10.30 8.56 12.58
C LEU B 83 -10.65 7.88 13.91
N SER B 84 -11.18 8.64 14.85
CA SER B 84 -11.55 8.07 16.14
C SER B 84 -12.67 7.05 16.00
N GLY B 85 -12.67 6.06 16.88
CA GLY B 85 -13.78 5.14 16.99
C GLY B 85 -14.82 5.51 18.02
N HIS B 86 -14.66 6.63 18.73
CA HIS B 86 -15.73 7.16 19.60
C HIS B 86 -16.12 6.08 20.62
N ASN B 87 -17.41 5.78 20.75
CA ASN B 87 -17.90 4.76 21.68
C ASN B 87 -17.93 3.37 21.08
N LEU B 88 -17.36 3.20 19.88
CA LEU B 88 -17.44 1.94 19.15
C LEU B 88 -16.14 1.16 19.11
N ALA B 89 -15.01 1.83 19.14
CA ALA B 89 -13.72 1.19 18.86
C ALA B 89 -12.65 2.21 19.20
N LYS B 90 -11.39 1.75 19.26
CA LYS B 90 -10.31 2.70 19.36
C LYS B 90 -10.29 3.62 18.15
N HIS B 91 -10.36 3.02 16.96
CA HIS B 91 -10.29 3.73 15.69
C HIS B 91 -11.43 3.29 14.80
N CYS B 92 -11.86 4.20 13.94
CA CYS B 92 -12.69 3.86 12.81
C CYS B 92 -11.87 4.03 11.53
N LEU B 93 -11.76 2.95 10.76
CA LEU B 93 -11.15 2.98 9.45
C LEU B 93 -12.25 3.22 8.43
N HIS B 94 -12.30 4.44 7.89
CA HIS B 94 -13.30 4.80 6.89
C HIS B 94 -12.78 4.36 5.54
N VAL B 95 -13.42 3.36 4.93
CA VAL B 95 -12.95 2.79 3.67
C VAL B 95 -14.00 3.04 2.60
N VAL B 96 -13.57 3.53 1.44
CA VAL B 96 -14.49 3.86 0.35
C VAL B 96 -14.43 2.73 -0.68
N GLY B 97 -15.44 1.87 -0.69
CA GLY B 97 -15.62 0.94 -1.77
C GLY B 97 -16.39 1.60 -2.88
N PRO B 98 -16.29 1.05 -4.10
CA PRO B 98 -17.07 1.59 -5.21
C PRO B 98 -18.57 1.42 -4.98
N ASN B 99 -19.33 2.46 -5.33
CA ASN B 99 -20.79 2.43 -5.25
C ASN B 99 -21.32 2.15 -6.65
N VAL B 100 -21.70 0.89 -6.89
CA VAL B 100 -22.21 0.48 -8.19
C VAL B 100 -23.54 1.18 -8.50
N ASN B 101 -24.33 1.48 -7.47
CA ASN B 101 -25.56 2.25 -7.68
C ASN B 101 -25.28 3.67 -8.16
N LYS B 102 -24.04 4.13 -8.09
N LYS B 102 -24.04 4.14 -8.06
CA LYS B 102 -23.64 5.41 -8.65
CA LYS B 102 -23.64 5.43 -8.60
C LYS B 102 -22.76 5.25 -9.88
C LYS B 102 -22.75 5.29 -9.83
N GLY B 103 -22.69 4.06 -10.45
N GLY B 103 -22.68 4.11 -10.42
CA GLY B 103 -21.93 3.84 -11.66
CA GLY B 103 -21.93 3.91 -11.64
C GLY B 103 -20.44 3.70 -11.47
C GLY B 103 -20.44 3.70 -11.47
N GLU B 104 -19.96 3.59 -10.23
CA GLU B 104 -18.53 3.46 -9.99
C GLU B 104 -18.06 2.04 -10.30
N ASP B 105 -16.77 1.93 -10.65
CA ASP B 105 -16.22 0.70 -11.18
C ASP B 105 -16.05 -0.32 -10.07
N ILE B 106 -16.76 -1.44 -10.17
CA ILE B 106 -16.62 -2.52 -9.20
C ILE B 106 -15.19 -3.01 -9.11
N GLN B 107 -14.39 -2.79 -10.15
CA GLN B 107 -12.99 -3.21 -10.13
C GLN B 107 -12.20 -2.58 -8.98
N LEU B 108 -12.63 -1.43 -8.47
CA LEU B 108 -11.90 -0.76 -7.38
C LEU B 108 -12.12 -1.40 -6.02
N LEU B 109 -12.93 -2.46 -5.96
CA LEU B 109 -13.21 -3.12 -4.69
C LEU B 109 -11.95 -3.78 -4.11
N LYS B 110 -11.08 -4.32 -4.96
CA LYS B 110 -9.86 -4.93 -4.43
C LYS B 110 -8.99 -3.88 -3.75
N SER B 111 -8.78 -2.74 -4.39
CA SER B 111 -8.02 -1.65 -3.77
C SER B 111 -8.63 -1.27 -2.43
N ALA B 112 -9.96 -1.20 -2.35
CA ALA B 112 -10.61 -0.84 -1.10
C ALA B 112 -10.28 -1.85 0.00
N TYR B 113 -10.38 -3.14 -0.31
CA TYR B 113 -10.06 -4.15 0.69
C TYR B 113 -8.59 -4.15 1.08
N GLU B 114 -7.68 -3.73 0.19
CA GLU B 114 -6.27 -3.69 0.56
C GLU B 114 -6.02 -2.81 1.77
N ASN B 115 -6.88 -1.83 2.02
CA ASN B 115 -6.70 -0.99 3.20
C ASN B 115 -6.74 -1.81 4.47
N PHE B 116 -7.51 -2.91 4.48
CA PHE B 116 -7.63 -3.72 5.68
C PHE B 116 -6.29 -4.32 6.09
N ASN B 117 -5.38 -4.54 5.13
CA ASN B 117 -4.11 -5.19 5.42
C ASN B 117 -3.18 -4.32 6.28
N GLN B 118 -3.51 -3.06 6.48
CA GLN B 118 -2.73 -2.18 7.36
C GLN B 118 -3.10 -2.31 8.82
N HIS B 119 -4.03 -3.22 9.16
CA HIS B 119 -4.49 -3.42 10.53
C HIS B 119 -4.53 -4.89 10.83
N GLU B 120 -3.98 -5.28 11.98
N GLU B 120 -4.00 -5.29 11.98
CA GLU B 120 -3.84 -6.71 12.28
CA GLU B 120 -3.84 -6.72 12.26
C GLU B 120 -5.18 -7.39 12.49
C GLU B 120 -5.18 -7.40 12.51
N VAL B 121 -6.17 -6.68 13.04
CA VAL B 121 -7.50 -7.24 13.29
C VAL B 121 -8.53 -6.12 13.15
N LEU B 122 -9.66 -6.44 12.48
CA LEU B 122 -10.72 -5.47 12.22
C LEU B 122 -12.08 -6.12 12.36
N LEU B 123 -13.05 -5.34 12.84
CA LEU B 123 -14.48 -5.62 12.72
C LEU B 123 -14.99 -4.83 11.52
N ALA B 124 -15.68 -5.51 10.59
CA ALA B 124 -15.97 -4.84 9.32
C ALA B 124 -17.29 -5.29 8.71
N PRO B 125 -17.89 -4.44 7.90
CA PRO B 125 -18.96 -4.87 6.98
C PRO B 125 -18.34 -5.31 5.66
N LEU B 126 -19.18 -5.95 4.83
CA LEU B 126 -18.78 -6.24 3.45
C LEU B 126 -18.79 -4.96 2.62
N LEU B 127 -17.64 -4.62 2.06
CA LEU B 127 -17.52 -3.39 1.30
C LEU B 127 -18.34 -3.45 0.01
N SER B 128 -18.89 -2.30 -0.35
CA SER B 128 -19.69 -2.08 -1.55
C SER B 128 -21.00 -2.87 -1.54
N ALA B 129 -21.35 -3.53 -0.44
CA ALA B 129 -22.61 -4.24 -0.33
C ALA B 129 -23.75 -3.28 0.00
N GLY B 130 -24.96 -3.84 0.08
CA GLY B 130 -26.08 -3.07 0.58
C GLY B 130 -26.40 -1.89 -0.30
N ILE B 131 -26.48 -0.70 0.31
CA ILE B 131 -26.84 0.50 -0.42
C ILE B 131 -25.81 0.88 -1.47
N PHE B 132 -24.60 0.28 -1.42
CA PHE B 132 -23.59 0.53 -2.45
C PHE B 132 -23.80 -0.31 -3.71
N GLY B 133 -24.64 -1.35 -3.67
CA GLY B 133 -25.13 -1.98 -4.88
C GLY B 133 -24.35 -3.16 -5.44
N ALA B 134 -23.21 -3.53 -4.85
CA ALA B 134 -22.47 -4.67 -5.37
C ALA B 134 -23.07 -5.97 -4.86
N ASP B 135 -22.78 -7.05 -5.57
CA ASP B 135 -23.19 -8.38 -5.14
C ASP B 135 -22.43 -8.73 -3.87
N PRO B 136 -23.10 -8.95 -2.74
CA PRO B 136 -22.36 -9.29 -1.52
C PRO B 136 -21.55 -10.57 -1.64
N ILE B 137 -22.00 -11.53 -2.46
CA ILE B 137 -21.20 -12.74 -2.68
C ILE B 137 -19.86 -12.38 -3.32
N HIS B 138 -19.87 -11.46 -4.27
CA HIS B 138 -18.63 -11.00 -4.87
C HIS B 138 -17.78 -10.22 -3.87
N SER B 139 -18.41 -9.40 -3.03
CA SER B 139 -17.63 -8.66 -2.05
C SER B 139 -16.92 -9.61 -1.10
N LEU B 140 -17.60 -10.68 -0.68
CA LEU B 140 -16.96 -11.68 0.18
C LEU B 140 -15.79 -12.34 -0.55
N ARG B 141 -16.00 -12.67 -1.82
CA ARG B 141 -14.92 -13.24 -2.65
C ARG B 141 -13.69 -12.34 -2.65
N VAL B 142 -13.89 -11.06 -2.96
CA VAL B 142 -12.75 -10.16 -3.01
C VAL B 142 -12.10 -10.02 -1.64
N CYS B 143 -12.93 -9.98 -0.59
CA CYS B 143 -12.39 -9.91 0.77
C CYS B 143 -11.46 -11.09 1.03
N VAL B 144 -11.94 -12.30 0.78
CA VAL B 144 -11.13 -13.48 1.06
C VAL B 144 -9.86 -13.51 0.21
N ASP B 145 -9.94 -13.03 -1.02
CA ASP B 145 -8.81 -13.09 -1.94
C ASP B 145 -7.86 -11.91 -1.79
N THR B 146 -8.17 -10.96 -0.91
CA THR B 146 -7.36 -9.75 -0.79
C THR B 146 -6.85 -9.51 0.62
N VAL B 147 -7.71 -9.69 1.63
CA VAL B 147 -7.34 -9.41 3.01
C VAL B 147 -6.56 -10.59 3.55
N ARG B 148 -5.43 -10.29 4.19
CA ARG B 148 -4.58 -11.28 4.82
C ARG B 148 -4.54 -11.13 6.34
N THR B 149 -4.93 -9.96 6.86
CA THR B 149 -5.05 -9.74 8.30
C THR B 149 -6.38 -10.32 8.77
N ASN B 150 -6.63 -10.28 10.08
CA ASN B 150 -7.79 -10.96 10.66
C ASN B 150 -9.01 -10.06 10.58
N VAL B 151 -9.99 -10.44 9.77
CA VAL B 151 -11.18 -9.64 9.53
C VAL B 151 -12.41 -10.43 9.99
N TYR B 152 -13.20 -9.76 10.84
CA TYR B 152 -14.41 -10.28 11.44
C TYR B 152 -15.57 -9.53 10.81
N LEU B 153 -16.32 -10.20 9.93
CA LEU B 153 -17.39 -9.59 9.15
C LEU B 153 -18.72 -9.72 9.89
N ALA B 154 -19.44 -8.63 10.00
CA ALA B 154 -20.78 -8.61 10.59
C ALA B 154 -21.79 -8.43 9.47
N VAL B 155 -22.73 -9.35 9.38
CA VAL B 155 -23.79 -9.32 8.39
C VAL B 155 -25.12 -9.26 9.14
N PHE B 156 -25.87 -8.19 8.93
CA PHE B 156 -27.07 -7.94 9.74
C PHE B 156 -28.20 -8.92 9.43
N ASP B 157 -28.51 -9.12 8.16
CA ASP B 157 -29.67 -9.92 7.77
C ASP B 157 -29.31 -11.39 7.79
N LYS B 158 -30.00 -12.18 8.65
CA LYS B 158 -29.77 -13.62 8.72
C LYS B 158 -29.90 -14.31 7.36
N ASN B 159 -30.84 -13.84 6.53
CA ASN B 159 -31.04 -14.48 5.23
C ASN B 159 -29.86 -14.20 4.28
N LEU B 160 -29.26 -13.01 4.36
CA LEU B 160 -28.07 -12.76 3.56
C LEU B 160 -26.89 -13.53 4.13
N TYR B 161 -26.74 -13.56 5.46
CA TYR B 161 -25.70 -14.36 6.08
C TYR B 161 -25.75 -15.79 5.58
N ASP B 162 -26.95 -16.39 5.59
CA ASP B 162 -27.09 -17.77 5.14
C ASP B 162 -26.71 -17.92 3.67
N LYS B 163 -27.11 -16.97 2.83
CA LYS B 163 -26.73 -17.02 1.43
C LYS B 163 -25.22 -16.96 1.25
N LEU B 164 -24.56 -16.10 2.03
CA LEU B 164 -23.11 -15.93 1.93
C LEU B 164 -22.38 -17.18 2.40
N VAL B 165 -22.80 -17.74 3.54
CA VAL B 165 -22.12 -18.90 4.10
C VAL B 165 -22.37 -20.14 3.25
N SER B 166 -23.65 -20.37 2.92
CA SER B 166 -24.03 -21.59 2.22
C SER B 166 -23.41 -21.65 0.83
N SER B 167 -23.12 -20.50 0.21
CA SER B 167 -22.57 -20.47 -1.14
C SER B 167 -21.05 -20.29 -1.18
N PHE B 168 -20.40 -20.03 -0.06
CA PHE B 168 -18.95 -19.80 -0.09
C PHE B 168 -18.19 -21.10 -0.41
N LEU B 169 -18.72 -22.23 0.02
N LEU B 169 -18.74 -22.23 0.03
CA LEU B 169 -18.08 -23.52 -0.24
CA LEU B 169 -18.10 -23.52 -0.19
C LEU B 169 -19.09 -24.63 -0.42
C LEU B 169 -19.12 -24.63 -0.37
#